data_3L07
#
_entry.id   3L07
#
_cell.length_a   70.299
_cell.length_b   73.385
_cell.length_c   106.916
_cell.angle_alpha   90.000
_cell.angle_beta   90.000
_cell.angle_gamma   90.000
#
_symmetry.space_group_name_H-M   'P 21 21 21'
#
loop_
_entity.id
_entity.type
_entity.pdbx_description
1 polymer 'Bifunctional protein folD'
2 non-polymer 'PHOSPHATE ION'
3 non-polymer IMIDAZOLE
4 non-polymer 1,2-ETHANEDIOL
5 non-polymer 'ACETATE ION'
6 water water
#
_entity_poly.entity_id   1
_entity_poly.type   'polypeptide(L)'
_entity_poly.pdbx_seq_one_letter_code
;SNAMILIDGKSLSKDLKERLATQVQEYKHHTAITPKLVAIIVGNDPASKTYVASKEKACAQVGIDSQVITLPEHTTESEL
LELIDQLNNDSSVHAILVQLPLPAHINKNNVIYSIKPEKDVDGFHPTNVGRLQLRDKKCLESCTPKGIMTMLREYGIKTE
GAYAVVVGASNVVGKPVSQLLLNAKATVTTCHRFTTDLKSHTTKADILIVAVGKPNFITADMVKEGAVVIDVGINHVDGK
IVGDVDFAAVKDKVAAITPVPGGVGPMTITELLYNTFQCAQELNR
;
_entity_poly.pdbx_strand_id   A,B
#
loop_
_chem_comp.id
_chem_comp.type
_chem_comp.name
_chem_comp.formula
ACT non-polymer 'ACETATE ION' 'C2 H3 O2 -1'
EDO non-polymer 1,2-ETHANEDIOL 'C2 H6 O2'
IMD non-polymer IMIDAZOLE 'C3 H5 N2 1'
PO4 non-polymer 'PHOSPHATE ION' 'O4 P -3'
#
# COMPACT_ATOMS: atom_id res chain seq x y z
N ALA A 3 -31.23 8.90 -17.47
CA ALA A 3 -30.71 7.61 -18.01
C ALA A 3 -29.93 6.83 -16.90
N MET A 4 -30.24 7.13 -15.64
CA MET A 4 -29.46 6.68 -14.49
C MET A 4 -29.45 5.15 -14.27
N ILE A 5 -28.28 4.59 -14.01
CA ILE A 5 -28.16 3.16 -13.67
C ILE A 5 -28.02 2.92 -12.17
N LEU A 6 -28.87 2.02 -11.66
CA LEU A 6 -28.77 1.52 -10.31
C LEU A 6 -27.75 0.40 -10.33
N ILE A 7 -26.64 0.60 -9.63
CA ILE A 7 -25.61 -0.45 -9.49
C ILE A 7 -26.12 -1.40 -8.41
N ASP A 8 -26.75 -2.46 -8.85
CA ASP A 8 -27.54 -3.34 -7.97
C ASP A 8 -26.70 -4.48 -7.46
N GLY A 9 -26.27 -4.40 -6.21
CA GLY A 9 -25.43 -5.45 -5.61
C GLY A 9 -26.13 -6.75 -5.34
N LYS A 10 -27.42 -6.69 -5.00
CA LYS A 10 -28.16 -7.92 -4.73
CA LYS A 10 -28.18 -7.89 -4.72
C LYS A 10 -28.23 -8.77 -5.98
N SER A 11 -28.62 -8.20 -7.10
CA SER A 11 -28.72 -8.99 -8.33
C SER A 11 -27.31 -9.43 -8.80
N LEU A 12 -26.33 -8.54 -8.69
CA LEU A 12 -24.99 -8.87 -9.14
C LEU A 12 -24.41 -9.99 -8.29
N SER A 13 -24.61 -9.93 -6.95
CA SER A 13 -24.12 -10.98 -6.05
CA SER A 13 -24.10 -10.98 -6.06
C SER A 13 -24.70 -12.33 -6.41
N LYS A 14 -25.97 -12.35 -6.76
CA LYS A 14 -26.64 -13.64 -7.09
C LYS A 14 -26.01 -14.28 -8.33
N ASP A 15 -25.76 -13.46 -9.35
CA ASP A 15 -25.15 -13.86 -10.60
C ASP A 15 -23.74 -14.30 -10.33
N LEU A 16 -22.98 -13.52 -9.58
CA LEU A 16 -21.61 -13.90 -9.29
C LEU A 16 -21.49 -15.19 -8.50
N LYS A 17 -22.44 -15.44 -7.61
CA LYS A 17 -22.37 -16.69 -6.85
C LYS A 17 -22.71 -17.90 -7.76
N GLU A 18 -23.64 -17.72 -8.68
CA GLU A 18 -23.92 -18.78 -9.65
C GLU A 18 -22.69 -19.11 -10.51
N ARG A 19 -21.95 -18.08 -10.94
CA ARG A 19 -20.73 -18.25 -11.78
C ARG A 19 -19.67 -18.99 -10.97
N LEU A 20 -19.48 -18.54 -9.73
CA LEU A 20 -18.53 -19.19 -8.81
C LEU A 20 -18.88 -20.65 -8.53
N ALA A 21 -20.15 -20.94 -8.28
CA ALA A 21 -20.57 -22.30 -7.99
C ALA A 21 -20.15 -23.24 -9.15
N THR A 22 -20.26 -22.78 -10.39
CA THR A 22 -19.86 -23.60 -11.51
C THR A 22 -18.35 -23.78 -11.55
N GLN A 23 -17.60 -22.70 -11.32
CA GLN A 23 -16.14 -22.74 -11.29
C GLN A 23 -15.62 -23.71 -10.20
N VAL A 24 -16.27 -23.67 -9.04
CA VAL A 24 -15.89 -24.52 -7.93
C VAL A 24 -16.16 -26.00 -8.25
N GLN A 25 -17.29 -26.27 -8.89
CA GLN A 25 -17.60 -27.61 -9.34
C GLN A 25 -16.59 -28.07 -10.39
N GLU A 26 -16.24 -27.21 -11.35
CA GLU A 26 -15.26 -27.64 -12.37
C GLU A 26 -13.93 -27.99 -11.70
N TYR A 27 -13.51 -27.14 -10.74
CA TYR A 27 -12.22 -27.36 -10.06
C TYR A 27 -12.20 -28.67 -9.29
N LYS A 28 -13.31 -28.96 -8.63
CA LYS A 28 -13.46 -30.19 -7.89
C LYS A 28 -13.42 -31.42 -8.82
N HIS A 29 -13.99 -31.30 -10.01
CA HIS A 29 -13.94 -32.39 -10.98
C HIS A 29 -12.56 -32.72 -11.41
N HIS A 30 -11.72 -31.72 -11.52
CA HIS A 30 -10.41 -31.92 -12.06
C HIS A 30 -9.46 -32.32 -10.97
N THR A 31 -9.64 -31.82 -9.76
CA THR A 31 -8.66 -31.98 -8.68
C THR A 31 -9.15 -32.72 -7.44
N ALA A 32 -10.44 -32.99 -7.37
CA ALA A 32 -11.07 -33.54 -6.16
C ALA A 32 -10.95 -32.62 -4.92
N ILE A 33 -10.53 -31.36 -5.13
CA ILE A 33 -10.42 -30.39 -4.01
C ILE A 33 -11.68 -29.50 -3.98
N THR A 34 -12.26 -29.42 -2.78
CA THR A 34 -13.34 -28.49 -2.50
C THR A 34 -12.79 -27.40 -1.53
N PRO A 35 -12.91 -26.12 -1.91
CA PRO A 35 -12.35 -25.12 -0.95
C PRO A 35 -12.94 -25.20 0.47
N LYS A 36 -12.12 -24.93 1.49
CA LYS A 36 -12.57 -24.88 2.88
C LYS A 36 -12.17 -23.59 3.60
N LEU A 37 -13.18 -22.92 4.10
CA LEU A 37 -13.06 -21.74 4.97
C LEU A 37 -13.27 -22.10 6.43
N VAL A 38 -12.31 -21.73 7.28
CA VAL A 38 -12.51 -21.76 8.75
C VAL A 38 -12.69 -20.34 9.30
N ALA A 39 -13.81 -20.12 9.96
CA ALA A 39 -14.13 -18.85 10.64
C ALA A 39 -14.12 -18.99 12.18
N ILE A 40 -13.35 -18.12 12.85
CA ILE A 40 -13.27 -18.05 14.33
C ILE A 40 -14.09 -16.86 14.84
N ILE A 41 -14.96 -17.12 15.83
CA ILE A 41 -15.73 -16.08 16.52
C ILE A 41 -15.41 -16.21 18.03
N VAL A 42 -14.99 -15.09 18.64
CA VAL A 42 -14.64 -15.02 20.05
C VAL A 42 -15.84 -14.29 20.72
N GLY A 43 -16.52 -15.00 21.62
CA GLY A 43 -17.62 -14.42 22.35
C GLY A 43 -18.94 -14.55 21.66
N ASN A 44 -19.88 -13.68 22.02
CA ASN A 44 -21.28 -13.84 21.66
CA ASN A 44 -21.28 -13.84 21.62
C ASN A 44 -21.95 -12.56 21.12
N ASP A 45 -21.17 -11.63 20.57
CA ASP A 45 -21.78 -10.42 20.01
C ASP A 45 -22.86 -10.85 18.98
N PRO A 46 -24.13 -10.44 19.18
CA PRO A 46 -25.17 -11.00 18.25
C PRO A 46 -24.95 -10.59 16.76
N ALA A 47 -24.41 -9.41 16.52
CA ALA A 47 -24.17 -8.94 15.15
C ALA A 47 -23.07 -9.82 14.52
N SER A 48 -22.02 -10.08 15.31
CA SER A 48 -20.95 -10.98 14.88
C SER A 48 -21.48 -12.36 14.56
N LYS A 49 -22.41 -12.84 15.37
CA LYS A 49 -22.97 -14.15 15.12
C LYS A 49 -23.79 -14.21 13.83
N THR A 50 -24.51 -13.13 13.56
CA THR A 50 -25.30 -13.01 12.36
C THR A 50 -24.39 -12.97 11.11
N TYR A 51 -23.30 -12.22 11.19
CA TYR A 51 -22.36 -12.15 10.09
C TYR A 51 -21.74 -13.50 9.78
N VAL A 52 -21.33 -14.20 10.82
CA VAL A 52 -20.72 -15.49 10.62
C VAL A 52 -21.76 -16.46 10.03
N ALA A 53 -23.01 -16.37 10.48
CA ALA A 53 -24.04 -17.23 9.93
C ALA A 53 -24.26 -16.92 8.45
N SER A 54 -24.24 -15.64 8.08
CA SER A 54 -24.34 -15.27 6.68
C SER A 54 -23.15 -15.80 5.87
N LYS A 55 -21.94 -15.83 6.45
CA LYS A 55 -20.80 -16.35 5.66
C LYS A 55 -20.91 -17.90 5.43
N GLU A 56 -21.42 -18.62 6.41
CA GLU A 56 -21.65 -20.07 6.25
C GLU A 56 -22.71 -20.35 5.20
N LYS A 57 -23.78 -19.56 5.23
CA LYS A 57 -24.85 -19.76 4.25
C LYS A 57 -24.32 -19.55 2.82
N ALA A 58 -23.56 -18.46 2.67
CA ALA A 58 -23.00 -18.11 1.38
C ALA A 58 -22.04 -19.20 0.89
N CYS A 59 -21.20 -19.75 1.77
CA CYS A 59 -20.34 -20.88 1.38
C CYS A 59 -21.20 -22.06 0.84
N ALA A 60 -22.25 -22.39 1.58
CA ALA A 60 -23.10 -23.55 1.20
C ALA A 60 -23.75 -23.34 -0.15
N GLN A 61 -24.10 -22.10 -0.46
CA GLN A 61 -24.71 -21.72 -1.72
C GLN A 61 -23.80 -21.97 -2.89
N VAL A 62 -22.47 -21.84 -2.72
CA VAL A 62 -21.57 -22.05 -3.85
C VAL A 62 -20.76 -23.36 -3.81
N GLY A 63 -21.01 -24.21 -2.83
CA GLY A 63 -20.33 -25.49 -2.70
C GLY A 63 -18.97 -25.46 -2.02
N ILE A 64 -18.73 -24.43 -1.24
CA ILE A 64 -17.52 -24.31 -0.46
C ILE A 64 -17.80 -24.84 0.95
N ASP A 65 -16.85 -25.60 1.50
CA ASP A 65 -16.96 -26.09 2.84
C ASP A 65 -16.62 -25.01 3.83
N SER A 66 -17.36 -24.99 4.94
CA SER A 66 -17.06 -24.04 6.00
C SER A 66 -17.07 -24.72 7.37
N GLN A 67 -16.27 -24.20 8.29
CA GLN A 67 -16.30 -24.66 9.68
C GLN A 67 -16.15 -23.40 10.55
N VAL A 68 -17.04 -23.29 11.56
CA VAL A 68 -17.01 -22.22 12.54
C VAL A 68 -16.48 -22.71 13.89
N ILE A 69 -15.46 -22.04 14.43
CA ILE A 69 -14.91 -22.40 15.78
C ILE A 69 -15.30 -21.26 16.71
N THR A 70 -16.14 -21.54 17.72
CA THR A 70 -16.62 -20.52 18.64
CA THR A 70 -16.62 -20.50 18.64
C THR A 70 -15.79 -20.58 19.92
N LEU A 71 -15.14 -19.50 20.32
CA LEU A 71 -14.36 -19.51 21.57
C LEU A 71 -15.09 -18.55 22.50
N PRO A 72 -14.94 -18.75 23.80
CA PRO A 72 -15.56 -17.85 24.77
C PRO A 72 -14.90 -16.48 24.83
N GLU A 73 -15.65 -15.54 25.35
CA GLU A 73 -15.20 -14.14 25.37
C GLU A 73 -13.85 -13.87 26.08
N HIS A 74 -13.52 -14.59 27.14
CA HIS A 74 -12.28 -14.35 27.89
C HIS A 74 -11.03 -15.05 27.31
N THR A 75 -11.19 -15.76 26.20
CA THR A 75 -10.06 -16.33 25.45
C THR A 75 -8.91 -15.32 25.37
N THR A 76 -7.70 -15.78 25.65
CA THR A 76 -6.55 -14.90 25.64
C THR A 76 -6.02 -14.80 24.20
N GLU A 77 -5.35 -13.67 23.96
CA GLU A 77 -4.63 -13.49 22.71
C GLU A 77 -3.69 -14.68 22.41
N SER A 78 -2.98 -15.19 23.42
CA SER A 78 -2.09 -16.34 23.20
C SER A 78 -2.89 -17.61 22.79
N GLU A 79 -4.07 -17.80 23.36
CA GLU A 79 -4.87 -18.96 23.05
C GLU A 79 -5.36 -18.85 21.62
N LEU A 80 -5.71 -17.63 21.21
CA LEU A 80 -6.21 -17.45 19.85
C LEU A 80 -5.06 -17.63 18.84
N LEU A 81 -3.87 -17.10 19.15
CA LEU A 81 -2.72 -17.29 18.27
C LEU A 81 -2.29 -18.78 18.13
N GLU A 82 -2.45 -19.60 19.19
CA GLU A 82 -2.20 -21.06 19.14
CA GLU A 82 -2.15 -21.05 19.10
C GLU A 82 -3.09 -21.72 18.09
N LEU A 83 -4.37 -21.39 18.18
CA LEU A 83 -5.31 -22.00 17.29
C LEU A 83 -4.99 -21.57 15.85
N ILE A 84 -4.60 -20.30 15.67
CA ILE A 84 -4.35 -19.81 14.29
C ILE A 84 -3.14 -20.56 13.73
N ASP A 85 -2.14 -20.76 14.56
CA ASP A 85 -0.98 -21.53 14.14
C ASP A 85 -1.33 -22.94 13.69
N GLN A 86 -2.25 -23.59 14.39
CA GLN A 86 -2.69 -24.91 14.02
C GLN A 86 -3.34 -24.86 12.64
N LEU A 87 -4.24 -23.91 12.46
CA LEU A 87 -4.94 -23.84 11.18
C LEU A 87 -4.01 -23.49 10.03
N ASN A 88 -3.03 -22.60 10.28
CA ASN A 88 -2.02 -22.28 9.24
C ASN A 88 -1.36 -23.49 8.64
N ASN A 89 -1.08 -24.43 9.54
CA ASN A 89 -0.37 -25.65 9.24
C ASN A 89 -1.28 -26.85 8.98
N ASP A 90 -2.60 -26.65 8.96
CA ASP A 90 -3.53 -27.71 8.52
C ASP A 90 -3.85 -27.59 7.03
N SER A 91 -3.43 -28.58 6.25
CA SER A 91 -3.61 -28.47 4.80
C SER A 91 -5.03 -28.76 4.31
N SER A 92 -5.92 -29.21 5.19
CA SER A 92 -7.36 -29.25 4.85
C SER A 92 -8.02 -27.85 4.91
N VAL A 93 -7.33 -26.87 5.47
CA VAL A 93 -7.87 -25.53 5.67
C VAL A 93 -7.23 -24.57 4.67
N HIS A 94 -8.02 -24.00 3.76
CA HIS A 94 -7.48 -23.12 2.70
C HIS A 94 -7.56 -21.65 3.05
N ALA A 95 -8.53 -21.29 3.87
CA ALA A 95 -8.84 -19.90 4.19
C ALA A 95 -9.18 -19.78 5.67
N ILE A 96 -8.61 -18.76 6.34
CA ILE A 96 -8.84 -18.54 7.73
C ILE A 96 -9.37 -17.14 7.90
N LEU A 97 -10.45 -16.98 8.62
CA LEU A 97 -10.93 -15.64 8.97
C LEU A 97 -11.26 -15.55 10.49
N VAL A 98 -11.03 -14.38 11.08
CA VAL A 98 -11.42 -14.09 12.46
C VAL A 98 -12.52 -13.02 12.42
N GLN A 99 -13.68 -13.29 13.01
CA GLN A 99 -14.79 -12.38 12.95
C GLN A 99 -14.47 -11.21 13.85
N LEU A 100 -14.66 -9.98 13.33
CA LEU A 100 -14.48 -8.76 14.12
C LEU A 100 -15.82 -8.11 14.50
N PRO A 101 -15.85 -7.25 15.57
CA PRO A 101 -14.75 -6.92 16.46
C PRO A 101 -14.37 -8.06 17.42
N LEU A 102 -13.07 -8.20 17.68
CA LEU A 102 -12.60 -8.99 18.82
C LEU A 102 -12.83 -8.26 20.17
N PRO A 103 -12.91 -9.02 21.29
CA PRO A 103 -12.97 -8.39 22.61
C PRO A 103 -11.80 -7.43 22.78
N ALA A 104 -12.03 -6.40 23.59
CA ALA A 104 -11.11 -5.30 23.78
C ALA A 104 -9.74 -5.73 24.34
N HIS A 105 -9.71 -6.80 25.11
CA HIS A 105 -8.43 -7.26 25.60
C HIS A 105 -7.52 -7.94 24.59
N ILE A 106 -8.01 -8.31 23.40
CA ILE A 106 -7.18 -8.92 22.37
C ILE A 106 -6.75 -7.91 21.29
N ASN A 107 -5.47 -7.91 20.94
CA ASN A 107 -4.92 -7.02 19.92
C ASN A 107 -5.15 -7.59 18.52
N LYS A 108 -6.09 -6.98 17.80
CA LYS A 108 -6.49 -7.41 16.45
C LYS A 108 -5.31 -7.49 15.47
N ASN A 109 -4.42 -6.52 15.53
CA ASN A 109 -3.32 -6.49 14.59
C ASN A 109 -2.38 -7.67 14.80
N ASN A 110 -2.16 -8.07 16.04
CA ASN A 110 -1.30 -9.21 16.28
C ASN A 110 -1.96 -10.52 15.78
N VAL A 111 -3.28 -10.57 15.93
CA VAL A 111 -4.06 -11.72 15.48
C VAL A 111 -3.97 -11.79 13.95
N ILE A 112 -4.24 -10.65 13.29
CA ILE A 112 -4.19 -10.62 11.81
C ILE A 112 -2.80 -11.05 11.33
N TYR A 113 -1.74 -10.50 11.92
CA TYR A 113 -0.37 -10.84 11.49
C TYR A 113 -0.06 -12.29 11.60
N SER A 114 -0.65 -12.96 12.58
CA SER A 114 -0.35 -14.37 12.80
C SER A 114 -0.97 -15.33 11.78
N ILE A 115 -1.94 -14.86 11.01
CA ILE A 115 -2.51 -15.67 9.92
C ILE A 115 -1.52 -15.78 8.79
N LYS A 116 -1.34 -16.96 8.22
CA LYS A 116 -0.56 -17.08 6.98
C LYS A 116 -1.17 -16.22 5.90
N PRO A 117 -0.36 -15.36 5.23
CA PRO A 117 -0.97 -14.45 4.22
C PRO A 117 -1.72 -15.18 3.12
N GLU A 118 -1.22 -16.33 2.72
CA GLU A 118 -1.84 -17.09 1.63
C GLU A 118 -3.16 -17.76 2.09
N LYS A 119 -3.49 -17.71 3.39
CA LYS A 119 -4.81 -18.14 3.93
C LYS A 119 -5.66 -16.99 4.41
N ASP A 120 -5.11 -15.77 4.35
CA ASP A 120 -5.75 -14.60 4.96
C ASP A 120 -6.79 -13.99 3.99
N VAL A 121 -7.95 -14.64 3.97
CA VAL A 121 -9.01 -14.35 3.03
CA VAL A 121 -9.00 -14.30 3.00
C VAL A 121 -9.58 -12.90 3.14
N ASP A 122 -9.46 -12.30 4.30
CA ASP A 122 -9.96 -10.94 4.49
C ASP A 122 -9.00 -9.90 3.91
N GLY A 123 -7.75 -10.32 3.71
CA GLY A 123 -6.75 -9.49 3.05
C GLY A 123 -6.17 -8.32 3.85
N PHE A 124 -6.22 -8.35 5.18
CA PHE A 124 -5.64 -7.27 5.94
C PHE A 124 -4.30 -7.60 6.52
N HIS A 125 -3.76 -8.80 6.37
CA HIS A 125 -2.38 -9.04 6.68
C HIS A 125 -1.50 -8.04 5.91
N PRO A 126 -0.50 -7.46 6.58
CA PRO A 126 0.43 -6.58 5.88
C PRO A 126 0.99 -7.09 4.58
N THR A 127 1.33 -8.37 4.47
CA THR A 127 1.79 -8.93 3.19
C THR A 127 0.74 -8.84 2.10
N ASN A 128 -0.53 -9.00 2.47
CA ASN A 128 -1.63 -8.86 1.47
C ASN A 128 -1.83 -7.41 1.12
N VAL A 129 -1.76 -6.52 2.10
CA VAL A 129 -1.82 -5.12 1.81
C VAL A 129 -0.66 -4.68 0.84
N GLY A 130 0.56 -5.11 1.09
CA GLY A 130 1.68 -4.76 0.25
C GLY A 130 1.56 -5.40 -1.13
N ARG A 131 1.16 -6.67 -1.14
CA ARG A 131 0.97 -7.39 -2.41
C ARG A 131 -0.04 -6.70 -3.31
N LEU A 132 -1.05 -6.09 -2.73
CA LEU A 132 -2.07 -5.40 -3.55
C LEU A 132 -1.41 -4.21 -4.27
N GLN A 133 -0.67 -3.42 -3.51
CA GLN A 133 0.08 -2.29 -4.07
C GLN A 133 1.13 -2.71 -5.07
N LEU A 134 1.74 -3.86 -4.86
CA LEU A 134 2.77 -4.35 -5.73
C LEU A 134 2.23 -5.07 -6.97
N ARG A 135 0.93 -5.34 -7.02
CA ARG A 135 0.42 -6.05 -8.21
CA ARG A 135 0.22 -6.10 -8.05
C ARG A 135 0.87 -7.47 -8.20
N ASP A 136 1.09 -8.06 -7.02
CA ASP A 136 1.50 -9.41 -6.92
C ASP A 136 0.25 -10.24 -6.95
N LYS A 137 0.28 -11.19 -7.87
CA LYS A 137 -0.86 -12.04 -8.19
C LYS A 137 -1.22 -12.95 -7.03
N LYS A 138 -0.29 -13.14 -6.08
CA LYS A 138 -0.62 -13.92 -4.86
CA LYS A 138 -0.56 -13.90 -4.85
C LYS A 138 -1.49 -13.16 -3.87
N CYS A 139 -1.68 -11.84 -4.08
CA CYS A 139 -2.52 -11.01 -3.20
C CYS A 139 -3.95 -11.54 -3.00
N LEU A 140 -4.37 -11.65 -1.74
CA LEU A 140 -5.78 -11.75 -1.37
C LEU A 140 -6.18 -10.28 -1.12
N GLU A 141 -7.00 -9.77 -2.02
CA GLU A 141 -7.53 -8.44 -1.93
C GLU A 141 -8.68 -8.41 -0.95
N SER A 142 -8.71 -7.38 -0.10
CA SER A 142 -9.77 -7.25 0.89
CA SER A 142 -9.77 -7.27 0.90
C SER A 142 -11.13 -7.17 0.21
N CYS A 143 -12.11 -7.79 0.84
CA CYS A 143 -13.37 -8.10 0.22
C CYS A 143 -14.20 -6.89 -0.22
N THR A 144 -14.41 -5.89 0.62
CA THR A 144 -15.19 -4.74 0.16
C THR A 144 -14.52 -3.94 -1.01
N PRO A 145 -13.24 -3.56 -0.92
CA PRO A 145 -12.59 -2.92 -2.07
C PRO A 145 -12.63 -3.80 -3.31
N LYS A 146 -12.43 -5.11 -3.14
CA LYS A 146 -12.49 -6.01 -4.32
C LYS A 146 -13.89 -5.99 -4.94
N GLY A 147 -14.89 -5.99 -4.10
CA GLY A 147 -16.28 -5.96 -4.52
C GLY A 147 -16.61 -4.68 -5.28
N ILE A 148 -16.08 -3.57 -4.80
CA ILE A 148 -16.30 -2.26 -5.47
C ILE A 148 -15.75 -2.31 -6.87
N MET A 149 -14.52 -2.83 -7.02
CA MET A 149 -13.93 -2.95 -8.36
C MET A 149 -14.75 -3.89 -9.25
N THR A 150 -15.22 -5.00 -8.68
CA THR A 150 -16.10 -5.95 -9.42
C THR A 150 -17.37 -5.26 -9.93
N MET A 151 -18.01 -4.46 -9.08
CA MET A 151 -19.18 -3.69 -9.48
C MET A 151 -18.87 -2.81 -10.71
N LEU A 152 -17.74 -2.09 -10.68
CA LEU A 152 -17.39 -1.19 -11.75
C LEU A 152 -17.15 -1.98 -13.03
N ARG A 153 -16.48 -3.12 -12.87
CA ARG A 153 -16.17 -3.92 -14.01
C ARG A 153 -17.42 -4.54 -14.63
N GLU A 154 -18.30 -5.11 -13.83
CA GLU A 154 -19.47 -5.83 -14.33
C GLU A 154 -20.51 -4.87 -14.94
N TYR A 155 -20.48 -3.63 -14.46
CA TYR A 155 -21.32 -2.57 -15.01
C TYR A 155 -20.64 -1.78 -16.13
N GLY A 156 -19.43 -2.20 -16.52
CA GLY A 156 -18.80 -1.63 -17.67
C GLY A 156 -18.32 -0.20 -17.49
N ILE A 157 -18.02 0.17 -16.26
CA ILE A 157 -17.51 1.49 -15.98
C ILE A 157 -16.05 1.54 -16.29
N LYS A 158 -15.69 2.45 -17.17
CA LYS A 158 -14.32 2.71 -17.59
C LYS A 158 -13.48 3.28 -16.43
N THR A 159 -12.37 2.62 -16.14
CA THR A 159 -11.46 3.12 -15.12
C THR A 159 -10.16 3.68 -15.72
N GLU A 160 -9.71 3.13 -16.82
CA GLU A 160 -8.51 3.69 -17.46
C GLU A 160 -8.66 5.14 -17.83
N GLY A 161 -7.78 5.99 -17.30
CA GLY A 161 -7.88 7.44 -17.47
C GLY A 161 -9.01 8.16 -16.76
N ALA A 162 -9.87 7.46 -16.04
CA ALA A 162 -10.92 8.12 -15.27
C ALA A 162 -10.31 8.84 -14.07
N TYR A 163 -10.94 9.93 -13.67
CA TYR A 163 -10.59 10.59 -12.42
C TYR A 163 -11.46 10.06 -11.29
N ALA A 164 -10.82 9.38 -10.35
CA ALA A 164 -11.51 8.80 -9.22
C ALA A 164 -11.17 9.53 -7.91
N VAL A 165 -12.17 9.88 -7.13
CA VAL A 165 -11.95 10.44 -5.83
C VAL A 165 -12.54 9.53 -4.77
N VAL A 166 -11.73 9.23 -3.77
CA VAL A 166 -12.07 8.33 -2.73
C VAL A 166 -12.18 9.19 -1.49
N VAL A 167 -13.37 9.21 -0.91
CA VAL A 167 -13.61 10.00 0.30
C VAL A 167 -13.62 9.11 1.52
N GLY A 168 -12.57 9.23 2.34
CA GLY A 168 -12.36 8.32 3.43
C GLY A 168 -11.06 7.63 3.17
N ALA A 169 -10.15 7.65 4.13
CA ALA A 169 -8.81 7.07 3.91
C ALA A 169 -8.63 5.95 4.90
N SER A 170 -9.67 5.12 5.11
CA SER A 170 -9.56 4.09 6.10
C SER A 170 -8.69 2.92 5.59
N ASN A 171 -8.11 2.18 6.51
CA ASN A 171 -7.44 0.92 6.13
C ASN A 171 -8.39 -0.12 5.58
N VAL A 172 -9.62 -0.14 6.05
CA VAL A 172 -10.53 -1.19 5.67
C VAL A 172 -11.13 -1.00 4.27
N VAL A 173 -11.26 0.25 3.83
CA VAL A 173 -11.82 0.52 2.54
C VAL A 173 -11.06 1.54 1.72
N GLY A 174 -10.89 2.76 2.21
CA GLY A 174 -10.44 3.85 1.38
C GLY A 174 -9.05 3.71 0.80
N LYS A 175 -8.09 3.29 1.60
CA LYS A 175 -6.76 3.11 1.06
C LYS A 175 -6.68 1.95 0.08
N PRO A 176 -7.19 0.75 0.43
CA PRO A 176 -7.05 -0.36 -0.58
C PRO A 176 -7.82 -0.09 -1.87
N VAL A 177 -8.99 0.51 -1.78
CA VAL A 177 -9.74 0.80 -2.98
C VAL A 177 -9.03 1.82 -3.85
N SER A 178 -8.35 2.78 -3.27
CA SER A 178 -7.62 3.72 -4.02
C SER A 178 -6.49 3.00 -4.79
N GLN A 179 -5.86 2.05 -4.12
CA GLN A 179 -4.75 1.33 -4.74
C GLN A 179 -5.25 0.45 -5.88
N LEU A 180 -6.41 -0.18 -5.69
CA LEU A 180 -7.01 -0.98 -6.76
C LEU A 180 -7.34 -0.07 -7.99
N LEU A 181 -7.87 1.10 -7.73
CA LEU A 181 -8.23 2.04 -8.78
C LEU A 181 -6.99 2.49 -9.54
N LEU A 182 -5.92 2.74 -8.81
CA LEU A 182 -4.65 3.12 -9.46
CA LEU A 182 -4.65 3.11 -9.42
C LEU A 182 -4.15 1.96 -10.31
N ASN A 183 -4.23 0.72 -9.82
CA ASN A 183 -3.80 -0.45 -10.58
C ASN A 183 -4.65 -0.64 -11.84
N ALA A 184 -5.90 -0.17 -11.78
CA ALA A 184 -6.85 -0.21 -12.88
C ALA A 184 -6.66 1.04 -13.82
N LYS A 185 -5.65 1.85 -13.57
CA LYS A 185 -5.26 2.98 -14.45
C LYS A 185 -6.06 4.26 -14.32
N ALA A 186 -6.84 4.37 -13.25
CA ALA A 186 -7.48 5.64 -12.88
C ALA A 186 -6.46 6.56 -12.21
N THR A 187 -6.67 7.85 -12.39
CA THR A 187 -6.05 8.91 -11.59
C THR A 187 -6.82 8.96 -10.30
N VAL A 188 -6.12 8.85 -9.16
CA VAL A 188 -6.87 8.72 -7.91
C VAL A 188 -6.47 9.76 -6.91
N THR A 189 -7.47 10.40 -6.32
CA THR A 189 -7.29 11.27 -5.17
C THR A 189 -7.92 10.65 -3.95
N THR A 190 -7.19 10.67 -2.86
CA THR A 190 -7.71 10.19 -1.61
C THR A 190 -7.87 11.39 -0.63
N CYS A 191 -9.13 11.59 -0.22
CA CYS A 191 -9.55 12.66 0.72
C CYS A 191 -9.97 12.08 2.09
N HIS A 192 -9.97 12.94 3.09
CA HIS A 192 -10.18 12.54 4.46
C HIS A 192 -10.57 13.79 5.29
N ARG A 193 -10.60 13.62 6.60
CA ARG A 193 -11.10 14.69 7.52
C ARG A 193 -10.21 15.92 7.55
N PHE A 194 -8.98 15.82 7.04
CA PHE A 194 -8.07 16.98 7.02
C PHE A 194 -8.01 17.69 5.69
N THR A 195 -8.77 17.17 4.73
CA THR A 195 -8.82 17.73 3.40
C THR A 195 -9.53 19.06 3.48
N THR A 196 -8.96 20.10 2.86
CA THR A 196 -9.61 21.41 2.79
C THR A 196 -10.32 21.48 1.45
N ASP A 197 -11.43 22.20 1.43
CA ASP A 197 -12.25 22.32 0.24
CA ASP A 197 -12.25 22.32 0.24
C ASP A 197 -12.52 20.98 -0.44
N LEU A 198 -13.10 20.08 0.34
CA LEU A 198 -13.44 18.73 -0.11
CA LEU A 198 -13.42 18.72 -0.13
C LEU A 198 -14.20 18.78 -1.43
N LYS A 199 -15.19 19.65 -1.48
CA LYS A 199 -16.06 19.77 -2.63
C LYS A 199 -15.32 20.06 -3.96
N SER A 200 -14.19 20.78 -3.90
CA SER A 200 -13.40 21.09 -5.12
C SER A 200 -12.81 19.85 -5.77
N HIS A 201 -12.66 18.79 -4.96
CA HIS A 201 -12.22 17.51 -5.48
C HIS A 201 -13.42 16.70 -5.87
N THR A 202 -14.34 16.48 -4.93
CA THR A 202 -15.39 15.48 -5.18
C THR A 202 -16.22 15.85 -6.41
N THR A 203 -16.51 17.15 -6.57
CA THR A 203 -17.25 17.66 -7.75
C THR A 203 -16.52 17.45 -9.06
N LYS A 204 -15.24 17.08 -9.04
CA LYS A 204 -14.57 16.73 -10.35
C LYS A 204 -14.51 15.23 -10.69
N ALA A 205 -14.97 14.38 -9.77
CA ALA A 205 -14.70 12.94 -9.88
C ALA A 205 -15.61 12.33 -10.95
N ASP A 206 -15.02 11.59 -11.88
CA ASP A 206 -15.83 10.69 -12.72
C ASP A 206 -16.35 9.49 -11.91
N ILE A 207 -15.54 9.04 -10.94
CA ILE A 207 -15.89 7.92 -10.10
C ILE A 207 -15.69 8.43 -8.69
N LEU A 208 -16.73 8.39 -7.87
CA LEU A 208 -16.71 8.87 -6.53
C LEU A 208 -17.00 7.69 -5.63
N ILE A 209 -16.04 7.34 -4.81
CA ILE A 209 -16.22 6.28 -3.84
C ILE A 209 -16.31 6.91 -2.48
N VAL A 210 -17.37 6.61 -1.75
CA VAL A 210 -17.62 7.26 -0.45
C VAL A 210 -17.65 6.28 0.69
N ALA A 211 -16.76 6.47 1.65
CA ALA A 211 -16.55 5.55 2.76
C ALA A 211 -16.17 6.32 4.02
N VAL A 212 -17.12 7.06 4.57
CA VAL A 212 -16.87 7.94 5.73
C VAL A 212 -17.72 7.54 6.94
N GLY A 213 -18.76 6.73 6.75
CA GLY A 213 -19.57 6.29 7.91
C GLY A 213 -20.26 7.49 8.56
N LYS A 214 -20.82 8.35 7.72
CA LYS A 214 -21.56 9.50 8.13
C LYS A 214 -22.85 9.60 7.28
N PRO A 215 -24.05 9.42 7.90
CA PRO A 215 -25.26 9.28 7.09
C PRO A 215 -25.51 10.52 6.27
N ASN A 216 -25.84 10.33 5.00
CA ASN A 216 -26.21 11.44 4.13
C ASN A 216 -25.17 12.52 4.00
N PHE A 217 -23.90 12.13 4.17
CA PHE A 217 -22.80 13.10 4.15
C PHE A 217 -22.59 13.79 2.78
N ILE A 218 -22.70 13.04 1.69
CA ILE A 218 -22.49 13.57 0.32
C ILE A 218 -23.81 14.05 -0.22
N THR A 219 -23.87 15.37 -0.45
CA THR A 219 -25.05 16.07 -0.99
C THR A 219 -24.84 16.34 -2.50
N ALA A 220 -25.93 16.71 -3.17
CA ALA A 220 -25.94 16.96 -4.63
C ALA A 220 -24.87 17.96 -5.08
N ASP A 221 -24.58 18.97 -4.28
CA ASP A 221 -23.59 20.02 -4.65
C ASP A 221 -22.14 19.51 -4.59
N MET A 222 -21.99 18.30 -4.05
CA MET A 222 -20.63 17.74 -3.85
C MET A 222 -20.29 16.75 -4.96
N VAL A 223 -21.26 16.49 -5.83
CA VAL A 223 -21.13 15.46 -6.86
C VAL A 223 -21.17 16.09 -8.23
N LYS A 224 -20.39 15.54 -9.17
CA LYS A 224 -20.39 15.99 -10.57
C LYS A 224 -21.56 15.44 -11.31
N GLU A 225 -22.09 16.21 -12.29
CA GLU A 225 -23.11 15.64 -13.16
CA GLU A 225 -23.08 15.71 -13.26
C GLU A 225 -22.48 14.53 -14.01
N GLY A 226 -23.22 13.42 -14.15
CA GLY A 226 -22.72 12.24 -14.88
C GLY A 226 -21.73 11.41 -14.06
N ALA A 227 -21.59 11.65 -12.75
CA ALA A 227 -20.64 10.87 -11.89
C ALA A 227 -21.12 9.43 -11.70
N VAL A 228 -20.19 8.49 -11.52
CA VAL A 228 -20.52 7.17 -11.01
C VAL A 228 -20.20 7.14 -9.53
N VAL A 229 -21.20 6.85 -8.72
CA VAL A 229 -21.07 6.99 -7.28
C VAL A 229 -21.25 5.66 -6.58
N ILE A 230 -20.26 5.31 -5.77
CA ILE A 230 -20.23 4.08 -4.98
C ILE A 230 -20.29 4.45 -3.51
N ASP A 231 -21.34 3.99 -2.84
CA ASP A 231 -21.64 4.35 -1.47
C ASP A 231 -21.37 3.15 -0.58
N VAL A 232 -20.31 3.22 0.21
CA VAL A 232 -19.91 2.13 1.05
C VAL A 232 -20.51 2.24 2.47
N GLY A 233 -21.17 3.36 2.76
CA GLY A 233 -21.84 3.54 4.06
C GLY A 233 -22.92 2.51 4.40
N ILE A 234 -22.87 2.01 5.62
CA ILE A 234 -23.99 1.30 6.22
C ILE A 234 -24.18 1.90 7.60
N ASN A 235 -24.99 2.95 7.67
CA ASN A 235 -25.23 3.66 8.90
C ASN A 235 -26.59 3.31 9.51
N HIS A 236 -26.59 2.86 10.76
CA HIS A 236 -27.84 2.58 11.46
C HIS A 236 -28.30 3.85 12.12
N VAL A 237 -29.39 4.42 11.62
CA VAL A 237 -29.95 5.67 12.17
C VAL A 237 -31.46 5.74 11.97
N ASP A 238 -32.17 6.31 12.95
CA ASP A 238 -33.64 6.43 12.92
C ASP A 238 -34.36 5.11 12.60
N GLY A 239 -33.82 4.01 13.14
CA GLY A 239 -34.34 2.66 12.90
C GLY A 239 -34.18 2.14 11.48
N LYS A 240 -33.22 2.71 10.74
CA LYS A 240 -33.10 2.63 9.28
CA LYS A 240 -33.10 2.48 9.30
C LYS A 240 -31.63 2.39 8.93
N ILE A 241 -31.35 1.87 7.73
CA ILE A 241 -29.98 1.72 7.24
C ILE A 241 -29.83 2.76 6.14
N VAL A 242 -28.88 3.68 6.31
CA VAL A 242 -28.70 4.88 5.49
CA VAL A 242 -28.71 4.80 5.40
C VAL A 242 -27.25 4.89 4.97
N GLY A 243 -27.08 5.29 3.72
CA GLY A 243 -25.77 5.33 3.11
C GLY A 243 -24.99 6.54 3.58
N ASP A 244 -23.73 6.65 3.16
CA ASP A 244 -22.97 7.90 3.33
C ASP A 244 -23.39 8.93 2.28
N VAL A 245 -24.17 8.52 1.28
CA VAL A 245 -24.58 9.47 0.20
C VAL A 245 -26.05 9.79 0.30
N ASP A 246 -26.43 11.05 0.08
CA ASP A 246 -27.85 11.42 0.14
C ASP A 246 -28.44 11.04 -1.21
N PHE A 247 -28.85 9.79 -1.29
CA PHE A 247 -29.28 9.18 -2.56
C PHE A 247 -30.41 9.93 -3.22
N ALA A 248 -31.43 10.26 -2.41
CA ALA A 248 -32.58 10.94 -2.94
C ALA A 248 -32.11 12.26 -3.53
N ALA A 249 -31.12 12.90 -2.90
CA ALA A 249 -30.67 14.22 -3.34
C ALA A 249 -29.83 14.21 -4.60
N VAL A 250 -29.04 13.14 -4.81
CA VAL A 250 -28.12 13.06 -5.94
C VAL A 250 -28.58 12.24 -7.14
N LYS A 251 -29.59 11.39 -6.96
CA LYS A 251 -29.87 10.38 -7.98
C LYS A 251 -30.22 10.96 -9.37
N ASP A 252 -30.84 12.14 -9.43
CA ASP A 252 -31.24 12.67 -10.74
C ASP A 252 -30.11 13.36 -11.50
N LYS A 253 -28.90 13.38 -10.94
CA LYS A 253 -27.77 14.00 -11.63
C LYS A 253 -26.60 13.06 -11.94
N VAL A 254 -26.61 11.85 -11.38
CA VAL A 254 -25.49 10.90 -11.56
C VAL A 254 -25.75 10.02 -12.80
N ALA A 255 -24.69 9.47 -13.38
CA ALA A 255 -24.83 8.40 -14.43
C ALA A 255 -25.14 7.02 -13.82
N ALA A 256 -24.62 6.75 -12.62
CA ALA A 256 -24.89 5.49 -11.93
C ALA A 256 -24.61 5.61 -10.43
N ILE A 257 -25.33 4.84 -9.60
CA ILE A 257 -25.10 4.92 -8.18
C ILE A 257 -25.56 3.61 -7.54
N THR A 258 -24.87 3.24 -6.47
CA THR A 258 -25.21 2.13 -5.65
C THR A 258 -26.23 2.60 -4.62
N PRO A 259 -27.31 1.83 -4.44
CA PRO A 259 -28.25 2.15 -3.37
C PRO A 259 -27.71 1.60 -2.06
N VAL A 260 -28.22 2.12 -0.93
CA VAL A 260 -28.03 1.52 0.35
C VAL A 260 -29.39 1.38 1.04
N PRO A 261 -29.74 0.19 1.49
CA PRO A 261 -28.97 -1.04 1.32
C PRO A 261 -29.07 -1.58 -0.11
N GLY A 262 -28.41 -2.71 -0.35
CA GLY A 262 -28.57 -3.45 -1.59
C GLY A 262 -27.54 -3.11 -2.65
N GLY A 263 -26.48 -2.38 -2.28
CA GLY A 263 -25.47 -1.94 -3.24
C GLY A 263 -24.16 -2.64 -2.94
N VAL A 264 -23.25 -1.93 -2.29
CA VAL A 264 -21.98 -2.55 -1.98
C VAL A 264 -22.08 -3.69 -0.97
N GLY A 265 -23.02 -3.56 -0.03
CA GLY A 265 -23.12 -4.52 1.11
C GLY A 265 -23.00 -6.00 0.73
N PRO A 266 -23.83 -6.46 -0.21
CA PRO A 266 -23.87 -7.88 -0.61
C PRO A 266 -22.64 -8.38 -1.30
N MET A 267 -21.86 -7.47 -1.89
CA MET A 267 -20.66 -7.84 -2.61
C MET A 267 -19.53 -8.27 -1.68
N THR A 268 -19.59 -7.84 -0.42
CA THR A 268 -18.53 -8.11 0.54
C THR A 268 -18.39 -9.62 0.77
N ILE A 269 -19.48 -10.28 1.16
CA ILE A 269 -19.43 -11.74 1.33
C ILE A 269 -19.19 -12.50 0.02
N THR A 270 -19.76 -12.00 -1.06
CA THR A 270 -19.51 -12.57 -2.37
C THR A 270 -18.01 -12.64 -2.64
N GLU A 271 -17.26 -11.58 -2.31
CA GLU A 271 -15.85 -11.57 -2.64
C GLU A 271 -15.08 -12.47 -1.67
N LEU A 272 -15.58 -12.59 -0.44
CA LEU A 272 -15.05 -13.62 0.48
C LEU A 272 -15.02 -15.04 -0.13
N LEU A 273 -16.09 -15.39 -0.82
CA LEU A 273 -16.18 -16.68 -1.41
C LEU A 273 -15.18 -16.78 -2.55
N TYR A 274 -15.09 -15.74 -3.37
CA TYR A 274 -14.09 -15.76 -4.43
C TYR A 274 -12.68 -15.91 -3.88
N ASN A 275 -12.39 -15.18 -2.79
CA ASN A 275 -11.09 -15.26 -2.13
C ASN A 275 -10.79 -16.67 -1.56
N THR A 276 -11.80 -17.27 -0.99
CA THR A 276 -11.67 -18.62 -0.45
C THR A 276 -11.31 -19.57 -1.58
N PHE A 277 -11.97 -19.46 -2.77
CA PHE A 277 -11.65 -20.30 -3.92
C PHE A 277 -10.22 -19.99 -4.46
N GLN A 278 -9.82 -18.72 -4.42
CA GLN A 278 -8.44 -18.35 -4.76
C GLN A 278 -7.43 -19.07 -3.86
N CYS A 279 -7.71 -19.16 -2.57
CA CYS A 279 -6.80 -19.81 -1.61
C CYS A 279 -6.66 -21.28 -1.88
N ALA A 280 -7.78 -21.93 -2.18
CA ALA A 280 -7.77 -23.33 -2.55
C ALA A 280 -6.97 -23.63 -3.83
N GLN A 281 -6.99 -22.75 -4.83
CA GLN A 281 -6.31 -23.02 -6.08
C GLN A 281 -4.81 -22.76 -5.97
N GLU A 282 -4.43 -21.73 -5.22
CA GLU A 282 -3.01 -21.35 -5.15
CA GLU A 282 -3.01 -21.34 -5.09
C GLU A 282 -2.27 -22.32 -4.21
N LEU A 283 -2.96 -22.80 -3.18
CA LEU A 283 -2.40 -23.75 -2.22
C LEU A 283 -1.97 -25.04 -2.91
N ASN A 284 -2.45 -25.24 -4.14
CA ASN A 284 -2.38 -26.53 -4.84
C ASN A 284 -1.83 -26.44 -6.28
N SER B 1 6.12 38.13 -5.31
CA SER B 1 7.47 37.50 -5.19
C SER B 1 7.29 36.13 -4.56
N ASN B 2 8.19 35.18 -4.85
CA ASN B 2 8.12 33.83 -4.24
C ASN B 2 9.42 33.49 -3.51
N ALA B 3 9.32 32.56 -2.54
CA ALA B 3 10.45 32.22 -1.66
C ALA B 3 11.64 31.66 -2.42
N MET B 4 11.37 30.80 -3.41
CA MET B 4 12.44 30.25 -4.28
C MET B 4 13.53 29.62 -3.47
N ILE B 5 13.16 28.88 -2.43
CA ILE B 5 14.13 28.22 -1.58
C ILE B 5 14.71 27.02 -2.26
N LEU B 6 16.03 26.82 -2.16
CA LEU B 6 16.65 25.61 -2.68
C LEU B 6 16.65 24.50 -1.60
N ILE B 7 16.02 23.37 -1.89
CA ILE B 7 15.97 22.26 -0.96
C ILE B 7 17.21 21.45 -1.24
N ASP B 8 18.23 21.69 -0.43
CA ASP B 8 19.56 21.24 -0.71
C ASP B 8 19.85 19.89 -0.03
N GLY B 9 19.75 18.86 -0.84
CA GLY B 9 19.95 17.46 -0.43
C GLY B 9 21.35 17.14 -0.08
N LYS B 10 22.30 17.77 -0.77
CA LYS B 10 23.70 17.45 -0.53
CA LYS B 10 23.71 17.47 -0.52
C LYS B 10 24.09 17.96 0.88
N SER B 11 23.64 19.17 1.23
CA SER B 11 23.94 19.71 2.54
CA SER B 11 23.92 19.74 2.53
C SER B 11 23.16 19.00 3.64
N LEU B 12 21.90 18.72 3.36
CA LEU B 12 21.07 17.99 4.31
C LEU B 12 21.61 16.55 4.54
N SER B 13 22.05 15.86 3.48
CA SER B 13 22.58 14.52 3.63
CA SER B 13 22.59 14.52 3.63
C SER B 13 23.85 14.54 4.48
N LYS B 14 24.70 15.56 4.25
CA LYS B 14 25.93 15.72 5.01
C LYS B 14 25.65 15.89 6.51
N ASP B 15 24.72 16.79 6.82
CA ASP B 15 24.31 17.01 8.21
C ASP B 15 23.72 15.71 8.82
N LEU B 16 22.89 15.05 8.06
CA LEU B 16 22.26 13.82 8.56
C LEU B 16 23.24 12.66 8.78
N LYS B 17 24.26 12.55 7.94
CA LYS B 17 25.29 11.54 8.13
C LYS B 17 26.12 11.84 9.33
N GLU B 18 26.42 13.12 9.56
CA GLU B 18 27.20 13.46 10.75
C GLU B 18 26.42 13.15 12.01
N ARG B 19 25.15 13.49 11.96
CA ARG B 19 24.22 13.21 13.09
C ARG B 19 24.13 11.71 13.33
N LEU B 20 23.99 10.93 12.25
CA LEU B 20 23.89 9.50 12.38
C LEU B 20 25.19 8.88 12.95
N ALA B 21 26.33 9.36 12.47
CA ALA B 21 27.60 8.86 12.98
C ALA B 21 27.72 8.97 14.52
N THR B 22 27.27 10.08 15.04
CA THR B 22 27.27 10.33 16.45
C THR B 22 26.38 9.30 17.17
N GLN B 23 25.18 9.09 16.66
CA GLN B 23 24.26 8.11 17.23
C GLN B 23 24.84 6.67 17.15
N VAL B 24 25.48 6.32 16.05
CA VAL B 24 26.01 4.99 15.89
C VAL B 24 27.10 4.77 16.94
N GLN B 25 27.97 5.75 17.13
CA GLN B 25 29.03 5.61 18.16
C GLN B 25 28.41 5.51 19.57
N GLU B 26 27.35 6.25 19.83
CA GLU B 26 26.65 6.19 21.13
CA GLU B 26 26.69 6.15 21.15
C GLU B 26 26.14 4.75 21.35
N TYR B 27 25.45 4.24 20.35
CA TYR B 27 24.86 2.89 20.39
C TYR B 27 25.89 1.82 20.61
N LYS B 28 27.00 1.93 19.89
CA LYS B 28 28.14 1.03 20.01
C LYS B 28 28.73 1.08 21.42
N HIS B 29 28.89 2.29 21.95
CA HIS B 29 29.35 2.47 23.35
C HIS B 29 28.41 1.80 24.37
N HIS B 30 27.09 1.89 24.18
CA HIS B 30 26.11 1.32 25.12
C HIS B 30 26.02 -0.22 24.98
N THR B 31 26.08 -0.73 23.74
CA THR B 31 25.75 -2.16 23.41
C THR B 31 26.91 -3.00 22.85
N ALA B 32 27.99 -2.38 22.39
CA ALA B 32 29.09 -3.03 21.61
C ALA B 32 28.63 -3.58 20.26
N ILE B 33 27.43 -3.20 19.82
CA ILE B 33 26.89 -3.58 18.50
C ILE B 33 27.17 -2.49 17.51
N THR B 34 27.88 -2.84 16.43
CA THR B 34 28.00 -2.00 15.26
C THR B 34 26.95 -2.51 14.23
N PRO B 35 26.11 -1.64 13.71
CA PRO B 35 25.15 -2.10 12.69
C PRO B 35 25.89 -2.61 11.47
N LYS B 36 25.39 -3.70 10.88
CA LYS B 36 26.01 -4.27 9.72
C LYS B 36 25.00 -4.51 8.63
N LEU B 37 25.35 -4.02 7.45
CA LEU B 37 24.64 -4.17 6.21
C LEU B 37 25.32 -5.23 5.33
N VAL B 38 24.56 -6.20 4.85
CA VAL B 38 25.08 -7.17 3.80
C VAL B 38 24.37 -6.89 2.53
N ALA B 39 25.12 -6.53 1.48
CA ALA B 39 24.58 -6.27 0.14
C ALA B 39 24.92 -7.44 -0.74
N ILE B 40 23.93 -7.98 -1.41
CA ILE B 40 24.17 -9.15 -2.31
C ILE B 40 24.07 -8.67 -3.75
N ILE B 41 25.08 -8.98 -4.55
CA ILE B 41 25.07 -8.66 -5.96
C ILE B 41 25.26 -9.99 -6.70
N VAL B 42 24.37 -10.18 -7.63
CA VAL B 42 24.45 -11.36 -8.51
C VAL B 42 24.93 -10.93 -9.88
N GLY B 43 26.13 -11.38 -10.21
CA GLY B 43 26.72 -11.11 -11.51
C GLY B 43 27.52 -9.81 -11.54
N ASN B 44 27.57 -9.20 -12.72
CA ASN B 44 28.60 -8.23 -13.09
C ASN B 44 28.10 -6.87 -13.56
N ASP B 45 26.78 -6.62 -13.57
CA ASP B 45 26.24 -5.35 -14.13
C ASP B 45 27.03 -4.09 -13.63
N PRO B 46 27.53 -3.22 -14.57
CA PRO B 46 28.48 -2.19 -14.10
C PRO B 46 27.87 -1.12 -13.20
N ALA B 47 26.65 -0.72 -13.54
CA ALA B 47 25.92 0.28 -12.79
C ALA B 47 25.60 -0.25 -11.38
N SER B 48 25.39 -1.57 -11.28
CA SER B 48 25.07 -2.24 -10.02
C SER B 48 26.29 -2.23 -9.11
N LYS B 49 27.47 -2.47 -9.70
CA LYS B 49 28.70 -2.45 -8.91
C LYS B 49 28.94 -1.04 -8.33
N THR B 50 28.60 -0.02 -9.13
CA THR B 50 28.80 1.39 -8.76
C THR B 50 27.83 1.76 -7.64
N TYR B 51 26.56 1.37 -7.80
CA TYR B 51 25.57 1.61 -6.75
C TYR B 51 25.99 0.97 -5.43
N VAL B 52 26.52 -0.24 -5.47
CA VAL B 52 26.87 -0.95 -4.26
C VAL B 52 28.08 -0.28 -3.63
N ALA B 53 29.06 0.07 -4.45
CA ALA B 53 30.19 0.82 -4.00
C ALA B 53 29.81 2.13 -3.25
N SER B 54 28.86 2.90 -3.77
CA SER B 54 28.38 4.11 -3.12
C SER B 54 27.73 3.84 -1.78
N LYS B 55 27.06 2.70 -1.68
CA LYS B 55 26.44 2.30 -0.44
C LYS B 55 27.48 1.91 0.64
N GLU B 56 28.52 1.16 0.24
CA GLU B 56 29.56 0.82 1.19
C GLU B 56 30.35 2.07 1.66
N LYS B 57 30.63 3.00 0.74
CA LYS B 57 31.36 4.24 1.07
C LYS B 57 30.55 5.02 2.14
N ALA B 58 29.25 5.13 1.93
CA ALA B 58 28.37 5.83 2.85
C ALA B 58 28.34 5.17 4.20
N CYS B 59 28.25 3.84 4.22
CA CYS B 59 28.43 3.12 5.47
C CYS B 59 29.70 3.48 6.23
N ALA B 60 30.84 3.41 5.54
CA ALA B 60 32.11 3.71 6.16
C ALA B 60 32.06 5.12 6.76
N GLN B 61 31.44 6.07 6.05
CA GLN B 61 31.39 7.45 6.53
C GLN B 61 30.73 7.59 7.88
N VAL B 62 29.80 6.72 8.21
CA VAL B 62 29.00 6.87 9.42
C VAL B 62 29.33 5.78 10.46
N GLY B 63 30.33 4.96 10.16
CA GLY B 63 30.72 3.90 11.08
C GLY B 63 29.89 2.63 11.08
N ILE B 64 29.13 2.40 10.02
CA ILE B 64 28.36 1.19 9.87
C ILE B 64 29.19 0.18 9.08
N ASP B 65 29.20 -1.05 9.56
CA ASP B 65 29.92 -2.16 8.88
C ASP B 65 29.15 -2.54 7.62
N SER B 66 29.88 -2.94 6.57
CA SER B 66 29.20 -3.46 5.38
C SER B 66 29.99 -4.65 4.83
N GLN B 67 29.27 -5.50 4.15
CA GLN B 67 29.90 -6.68 3.49
C GLN B 67 29.16 -6.88 2.19
N VAL B 68 29.89 -7.05 1.10
CA VAL B 68 29.27 -7.33 -0.17
C VAL B 68 29.54 -8.81 -0.47
N ILE B 69 28.48 -9.55 -0.77
CA ILE B 69 28.58 -10.94 -1.21
C ILE B 69 28.31 -10.93 -2.69
N THR B 70 29.32 -11.28 -3.48
CA THR B 70 29.18 -11.29 -4.94
CA THR B 70 29.23 -11.28 -4.95
C THR B 70 29.01 -12.73 -5.39
N LEU B 71 27.91 -12.97 -6.04
CA LEU B 71 27.58 -14.29 -6.55
C LEU B 71 27.68 -14.30 -8.07
N PRO B 72 28.04 -15.46 -8.62
CA PRO B 72 28.05 -15.56 -10.09
C PRO B 72 26.68 -15.36 -10.70
N GLU B 73 26.68 -14.87 -11.94
CA GLU B 73 25.47 -14.66 -12.73
CA GLU B 73 25.45 -14.66 -12.68
C GLU B 73 24.63 -15.94 -12.80
N HIS B 74 25.31 -17.10 -12.85
CA HIS B 74 24.64 -18.42 -12.99
C HIS B 74 23.95 -18.96 -11.72
N THR B 75 24.06 -18.20 -10.63
CA THR B 75 23.40 -18.55 -9.37
C THR B 75 21.92 -18.75 -9.60
N THR B 76 21.33 -19.82 -9.07
CA THR B 76 19.89 -19.98 -9.18
C THR B 76 19.09 -19.23 -8.12
N GLU B 77 17.81 -19.08 -8.35
CA GLU B 77 16.97 -18.47 -7.33
C GLU B 77 17.05 -19.31 -6.03
N SER B 78 16.98 -20.64 -6.12
CA SER B 78 16.99 -21.48 -4.91
CA SER B 78 17.01 -21.49 -4.92
C SER B 78 18.29 -21.25 -4.14
N GLU B 79 19.42 -21.13 -4.84
CA GLU B 79 20.68 -20.82 -4.20
C GLU B 79 20.73 -19.47 -3.52
N LEU B 80 20.17 -18.45 -4.14
CA LEU B 80 20.10 -17.15 -3.54
C LEU B 80 19.17 -17.19 -2.29
N LEU B 81 18.05 -17.93 -2.36
CA LEU B 81 17.16 -18.03 -1.20
C LEU B 81 17.87 -18.70 -0.01
N GLU B 82 18.69 -19.68 -0.34
CA GLU B 82 19.51 -20.35 0.65
CA GLU B 82 19.54 -20.36 0.60
C GLU B 82 20.46 -19.39 1.33
N LEU B 83 21.15 -18.55 0.57
CA LEU B 83 22.01 -17.54 1.18
C LEU B 83 21.23 -16.58 2.06
N ILE B 84 20.08 -16.11 1.56
CA ILE B 84 19.30 -15.20 2.33
C ILE B 84 18.78 -15.88 3.63
N ASP B 85 18.40 -17.12 3.58
CA ASP B 85 18.02 -17.84 4.81
C ASP B 85 19.17 -17.85 5.87
N GLN B 86 20.41 -18.03 5.43
CA GLN B 86 21.53 -17.98 6.34
C GLN B 86 21.71 -16.58 6.93
N LEU B 87 21.62 -15.56 6.07
CA LEU B 87 21.69 -14.17 6.53
C LEU B 87 20.54 -13.83 7.50
N ASN B 88 19.35 -14.32 7.23
CA ASN B 88 18.21 -14.03 8.11
C ASN B 88 18.47 -14.59 9.53
N ASN B 89 19.21 -15.70 9.61
CA ASN B 89 19.42 -16.35 10.92
C ASN B 89 20.79 -16.02 11.55
N ASP B 90 21.50 -15.07 10.95
CA ASP B 90 22.81 -14.67 11.43
C ASP B 90 22.66 -13.35 12.20
N SER B 91 22.79 -13.43 13.52
CA SER B 91 22.58 -12.30 14.38
C SER B 91 23.66 -11.20 14.23
N SER B 92 24.76 -11.47 13.54
CA SER B 92 25.68 -10.41 13.26
C SER B 92 25.26 -9.55 12.04
N VAL B 93 24.19 -9.93 11.35
CA VAL B 93 23.74 -9.22 10.16
C VAL B 93 22.42 -8.55 10.49
N HIS B 94 22.35 -7.24 10.33
CA HIS B 94 21.11 -6.55 10.73
C HIS B 94 20.28 -6.20 9.52
N ALA B 95 20.91 -5.90 8.40
CA ALA B 95 20.23 -5.39 7.25
C ALA B 95 20.71 -6.16 6.03
N ILE B 96 19.76 -6.62 5.21
CA ILE B 96 20.03 -7.38 3.98
C ILE B 96 19.41 -6.61 2.80
N LEU B 97 20.29 -6.41 1.83
CA LEU B 97 19.91 -5.74 0.56
CA LEU B 97 20.06 -5.67 0.57
C LEU B 97 20.35 -6.60 -0.63
N VAL B 98 19.46 -6.69 -1.62
CA VAL B 98 19.77 -7.37 -2.86
C VAL B 98 19.79 -6.31 -3.93
N GLN B 99 20.94 -6.16 -4.55
CA GLN B 99 21.12 -5.13 -5.56
C GLN B 99 20.35 -5.58 -6.81
N LEU B 100 19.50 -4.70 -7.35
CA LEU B 100 18.77 -4.96 -8.58
C LEU B 100 19.49 -4.24 -9.76
N PRO B 101 19.37 -4.78 -10.99
CA PRO B 101 18.56 -5.93 -11.36
C PRO B 101 19.25 -7.27 -11.15
N LEU B 102 18.41 -8.31 -10.94
CA LEU B 102 18.89 -9.70 -10.88
C LEU B 102 18.87 -10.34 -12.29
N PRO B 103 19.63 -11.42 -12.48
CA PRO B 103 19.64 -12.14 -13.73
C PRO B 103 18.26 -12.57 -14.17
N ALA B 104 18.16 -12.83 -15.46
CA ALA B 104 16.89 -13.16 -16.08
C ALA B 104 16.19 -14.40 -15.42
N HIS B 105 17.00 -15.34 -14.97
CA HIS B 105 16.48 -16.61 -14.39
C HIS B 105 15.99 -16.52 -12.90
N ILE B 106 16.00 -15.32 -12.32
CA ILE B 106 15.62 -15.09 -10.89
C ILE B 106 14.47 -14.10 -10.78
N ASN B 107 13.44 -14.44 -10.03
CA ASN B 107 12.33 -13.53 -9.81
C ASN B 107 12.58 -12.70 -8.56
N LYS B 108 12.76 -11.39 -8.75
CA LYS B 108 13.09 -10.50 -7.66
C LYS B 108 12.10 -10.49 -6.50
N ASN B 109 10.80 -10.66 -6.80
CA ASN B 109 9.76 -10.66 -5.77
C ASN B 109 9.80 -11.87 -4.83
N ASN B 110 10.11 -13.04 -5.36
CA ASN B 110 10.34 -14.22 -4.54
C ASN B 110 11.57 -14.02 -3.66
N VAL B 111 12.57 -13.37 -4.19
CA VAL B 111 13.84 -13.14 -3.46
C VAL B 111 13.57 -12.17 -2.29
N ILE B 112 12.93 -11.06 -2.60
CA ILE B 112 12.60 -10.08 -1.57
C ILE B 112 11.69 -10.68 -0.49
N TYR B 113 10.73 -11.49 -0.88
CA TYR B 113 9.83 -12.11 0.10
C TYR B 113 10.53 -13.04 1.08
N SER B 114 11.68 -13.63 0.69
CA SER B 114 12.45 -14.55 1.53
C SER B 114 13.24 -13.81 2.63
N ILE B 115 13.44 -12.50 2.45
CA ILE B 115 14.16 -11.69 3.46
C ILE B 115 13.25 -11.43 4.67
N LYS B 116 13.74 -11.66 5.88
CA LYS B 116 12.96 -11.31 7.09
C LYS B 116 12.57 -9.86 6.96
N PRO B 117 11.29 -9.52 7.21
CA PRO B 117 10.93 -8.12 7.09
C PRO B 117 11.78 -7.22 8.00
N GLU B 118 12.18 -7.76 9.15
CA GLU B 118 12.93 -7.00 10.15
C GLU B 118 14.35 -6.67 9.68
N LYS B 119 14.82 -7.33 8.61
CA LYS B 119 16.13 -7.13 8.02
C LYS B 119 16.05 -6.50 6.61
N ASP B 120 14.83 -6.25 6.15
CA ASP B 120 14.60 -5.81 4.75
C ASP B 120 14.82 -4.30 4.71
N VAL B 121 16.09 -3.91 4.61
CA VAL B 121 16.50 -2.53 4.78
C VAL B 121 16.02 -1.64 3.65
N ASP B 122 15.73 -2.20 2.50
CA ASP B 122 15.15 -1.42 1.39
C ASP B 122 13.65 -1.15 1.55
N GLY B 123 12.98 -1.87 2.43
CA GLY B 123 11.58 -1.61 2.61
C GLY B 123 10.70 -2.10 1.48
N PHE B 124 11.19 -3.10 0.74
CA PHE B 124 10.48 -3.66 -0.43
C PHE B 124 9.67 -4.93 -0.11
N HIS B 125 9.88 -5.51 1.06
CA HIS B 125 9.12 -6.72 1.41
C HIS B 125 7.62 -6.30 1.50
N PRO B 126 6.72 -7.12 0.99
CA PRO B 126 5.30 -6.82 1.13
C PRO B 126 4.83 -6.44 2.54
N THR B 127 5.37 -7.07 3.58
CA THR B 127 4.98 -6.70 4.95
C THR B 127 5.38 -5.26 5.29
N ASN B 128 6.57 -4.80 4.85
CA ASN B 128 6.96 -3.43 5.06
C ASN B 128 6.09 -2.47 4.21
N VAL B 129 5.82 -2.85 2.97
CA VAL B 129 4.94 -2.03 2.08
C VAL B 129 3.59 -1.89 2.75
N GLY B 130 3.07 -2.98 3.28
CA GLY B 130 1.75 -2.99 3.95
C GLY B 130 1.74 -2.22 5.28
N ARG B 131 2.77 -2.43 6.08
CA ARG B 131 2.89 -1.70 7.35
C ARG B 131 3.02 -0.20 7.15
N LEU B 132 3.63 0.24 6.05
CA LEU B 132 3.69 1.65 5.70
C LEU B 132 2.26 2.19 5.58
N GLN B 133 1.45 1.54 4.77
CA GLN B 133 0.07 1.97 4.45
C GLN B 133 -0.70 1.89 5.75
N LEU B 134 -0.55 0.80 6.50
CA LEU B 134 -1.28 0.59 7.75
C LEU B 134 -0.72 1.38 8.95
N ARG B 135 0.20 2.31 8.71
CA ARG B 135 0.73 3.12 9.82
C ARG B 135 1.08 2.24 11.00
N ASP B 136 2.04 1.34 10.79
CA ASP B 136 2.56 0.40 11.80
C ASP B 136 4.05 0.73 11.95
N LYS B 137 4.64 0.49 13.13
CA LYS B 137 5.87 1.19 13.49
C LYS B 137 7.14 0.37 13.29
N LYS B 138 6.94 -0.91 12.98
CA LYS B 138 8.05 -1.79 12.66
C LYS B 138 8.48 -1.64 11.19
N CYS B 139 7.86 -0.67 10.53
CA CYS B 139 7.92 -0.62 9.11
C CYS B 139 9.34 -0.09 8.81
N LEU B 140 10.04 -0.80 7.97
CA LEU B 140 11.18 -0.23 7.25
C LEU B 140 10.53 0.43 6.03
N GLU B 141 10.73 1.71 5.90
CA GLU B 141 10.18 2.49 4.82
C GLU B 141 11.21 2.54 3.72
N SER B 142 10.73 2.40 2.49
CA SER B 142 11.52 2.58 1.25
C SER B 142 12.33 3.88 1.31
N CYS B 143 13.63 3.83 0.95
CA CYS B 143 14.57 4.87 1.23
C CYS B 143 14.27 6.16 0.51
N THR B 144 13.93 6.10 -0.79
CA THR B 144 13.68 7.33 -1.49
C THR B 144 12.40 8.05 -1.01
N PRO B 145 11.27 7.35 -0.86
CA PRO B 145 10.13 8.03 -0.25
C PRO B 145 10.41 8.61 1.16
N LYS B 146 11.10 7.85 1.99
CA LYS B 146 11.49 8.30 3.33
C LYS B 146 12.33 9.55 3.27
N GLY B 147 13.27 9.56 2.32
CA GLY B 147 14.10 10.70 2.04
C GLY B 147 13.32 11.94 1.66
N ILE B 148 12.33 11.76 0.80
CA ILE B 148 11.44 12.88 0.41
C ILE B 148 10.76 13.47 1.67
N MET B 149 10.17 12.63 2.50
CA MET B 149 9.49 13.11 3.70
C MET B 149 10.47 13.77 4.64
N THR B 150 11.69 13.26 4.68
CA THR B 150 12.75 13.89 5.48
C THR B 150 13.07 15.31 5.02
N MET B 151 13.14 15.53 3.71
CA MET B 151 13.31 16.85 3.20
C MET B 151 12.17 17.78 3.60
N LEU B 152 10.96 17.33 3.39
CA LEU B 152 9.81 18.11 3.79
C LEU B 152 9.83 18.46 5.29
N ARG B 153 10.19 17.49 6.13
CA ARG B 153 10.27 17.73 7.56
C ARG B 153 11.35 18.77 7.93
N GLU B 154 12.56 18.55 7.46
CA GLU B 154 13.67 19.41 7.79
C GLU B 154 13.50 20.82 7.27
N TYR B 155 12.74 21.01 6.20
CA TYR B 155 12.50 22.33 5.62
C TYR B 155 11.24 22.96 6.15
N GLY B 156 10.60 22.29 7.10
CA GLY B 156 9.40 22.81 7.65
C GLY B 156 8.24 22.95 6.70
N ILE B 157 8.03 21.99 5.80
CA ILE B 157 6.97 22.10 4.84
C ILE B 157 5.77 21.39 5.46
N LYS B 158 4.69 22.13 5.74
CA LYS B 158 3.52 21.56 6.41
CA LYS B 158 3.54 21.55 6.40
C LYS B 158 2.84 20.59 5.41
N THR B 159 2.48 19.41 5.88
CA THR B 159 1.70 18.45 5.04
C THR B 159 0.24 18.41 5.41
N GLU B 160 -0.09 18.70 6.66
CA GLU B 160 -1.50 18.59 7.08
C GLU B 160 -2.41 19.54 6.35
N GLY B 161 -3.35 18.97 5.63
CA GLY B 161 -4.28 19.68 4.80
C GLY B 161 -3.73 20.18 3.48
N ALA B 162 -2.44 19.94 3.22
CA ALA B 162 -1.84 20.30 1.96
C ALA B 162 -2.44 19.45 0.81
N TYR B 163 -2.44 19.97 -0.40
CA TYR B 163 -2.82 19.17 -1.55
C TYR B 163 -1.57 18.75 -2.26
N ALA B 164 -1.30 17.45 -2.21
CA ALA B 164 -0.10 16.89 -2.82
C ALA B 164 -0.43 16.06 -4.05
N VAL B 165 0.27 16.30 -5.14
CA VAL B 165 0.07 15.53 -6.38
C VAL B 165 1.40 14.83 -6.66
N VAL B 166 1.34 13.51 -6.82
CA VAL B 166 2.51 12.70 -7.06
C VAL B 166 2.41 12.24 -8.52
N VAL B 167 3.40 12.62 -9.33
CA VAL B 167 3.43 12.29 -10.75
C VAL B 167 4.36 11.09 -10.96
N GLY B 168 3.77 9.94 -11.22
CA GLY B 168 4.43 8.65 -11.33
C GLY B 168 3.89 7.74 -10.27
N ALA B 169 3.56 6.50 -10.64
CA ALA B 169 2.95 5.57 -9.72
C ALA B 169 3.84 4.32 -9.52
N SER B 170 5.14 4.49 -9.42
CA SER B 170 6.01 3.29 -9.33
C SER B 170 5.92 2.66 -7.93
N ASN B 171 6.26 1.39 -7.85
CA ASN B 171 6.45 0.75 -6.57
C ASN B 171 7.62 1.28 -5.76
N VAL B 172 8.70 1.66 -6.37
CA VAL B 172 9.84 2.11 -5.59
CA VAL B 172 9.88 2.15 -5.68
C VAL B 172 9.62 3.55 -5.05
N VAL B 173 8.81 4.36 -5.73
CA VAL B 173 8.70 5.73 -5.27
C VAL B 173 7.31 6.24 -5.21
N GLY B 174 6.61 6.28 -6.34
CA GLY B 174 5.39 7.02 -6.39
C GLY B 174 4.33 6.54 -5.44
N LYS B 175 4.11 5.24 -5.39
CA LYS B 175 3.03 4.73 -4.54
C LYS B 175 3.42 4.82 -3.04
N PRO B 176 4.66 4.43 -2.66
CA PRO B 176 4.93 4.64 -1.24
C PRO B 176 4.98 6.10 -0.78
N VAL B 177 5.50 7.03 -1.58
CA VAL B 177 5.48 8.41 -1.17
C VAL B 177 4.03 8.96 -1.05
N SER B 178 3.10 8.53 -1.91
CA SER B 178 1.73 8.91 -1.83
C SER B 178 1.14 8.43 -0.52
N GLN B 179 1.45 7.23 -0.14
CA GLN B 179 1.03 6.71 1.17
C GLN B 179 1.66 7.46 2.39
N LEU B 180 2.94 7.81 2.34
CA LEU B 180 3.56 8.60 3.39
C LEU B 180 2.91 9.97 3.51
N LEU B 181 2.61 10.61 2.39
CA LEU B 181 1.93 11.91 2.34
C LEU B 181 0.54 11.84 2.95
N LEU B 182 -0.16 10.76 2.65
CA LEU B 182 -1.50 10.59 3.14
C LEU B 182 -1.44 10.37 4.67
N ASN B 183 -0.48 9.58 5.16
CA ASN B 183 -0.29 9.40 6.62
C ASN B 183 0.05 10.73 7.29
N ALA B 184 0.69 11.63 6.55
CA ALA B 184 1.03 12.95 7.07
C ALA B 184 -0.09 13.99 6.91
N LYS B 185 -1.24 13.49 6.49
CA LYS B 185 -2.52 14.16 6.45
C LYS B 185 -2.68 15.13 5.30
N ALA B 186 -1.86 14.93 4.27
CA ALA B 186 -2.10 15.62 3.02
C ALA B 186 -3.20 14.93 2.26
N THR B 187 -3.92 15.71 1.46
CA THR B 187 -4.82 15.17 0.46
C THR B 187 -3.93 14.78 -0.74
N VAL B 188 -4.08 13.55 -1.25
CA VAL B 188 -3.09 13.03 -2.20
C VAL B 188 -3.71 12.56 -3.49
N THR B 189 -3.17 13.09 -4.59
CA THR B 189 -3.51 12.63 -5.92
C THR B 189 -2.30 11.95 -6.57
N THR B 190 -2.50 10.74 -7.06
CA THR B 190 -1.46 10.00 -7.78
C THR B 190 -1.79 9.90 -9.27
N CYS B 191 -0.91 10.50 -10.08
CA CYS B 191 -1.03 10.58 -11.55
C CYS B 191 0.06 9.72 -12.19
N HIS B 192 -0.12 9.40 -13.47
CA HIS B 192 0.76 8.46 -14.14
C HIS B 192 0.53 8.62 -15.61
N ARG B 193 1.00 7.65 -16.39
CA ARG B 193 0.98 7.78 -17.84
C ARG B 193 -0.43 7.68 -18.44
N PHE B 194 -1.39 7.14 -17.71
CA PHE B 194 -2.77 7.16 -18.18
C PHE B 194 -3.61 8.33 -17.75
N THR B 195 -3.04 9.21 -16.99
CA THR B 195 -3.72 10.42 -16.57
C THR B 195 -3.99 11.37 -17.74
N THR B 196 -5.26 11.72 -17.91
CA THR B 196 -5.63 12.72 -18.89
C THR B 196 -5.59 14.09 -18.21
N ASP B 197 -5.28 15.11 -19.00
CA ASP B 197 -5.15 16.46 -18.49
C ASP B 197 -4.31 16.54 -17.21
N LEU B 198 -3.10 16.04 -17.29
CA LEU B 198 -2.16 16.11 -16.14
C LEU B 198 -2.04 17.52 -15.50
N LYS B 199 -1.99 18.55 -16.34
CA LYS B 199 -1.81 19.93 -15.90
C LYS B 199 -2.93 20.41 -14.96
N SER B 200 -4.16 19.99 -15.24
CA SER B 200 -5.30 20.29 -14.39
C SER B 200 -5.07 19.83 -12.96
N HIS B 201 -4.27 18.78 -12.77
CA HIS B 201 -3.94 18.33 -11.39
C HIS B 201 -2.71 19.04 -10.82
N THR B 202 -1.63 19.02 -11.58
CA THR B 202 -0.37 19.50 -11.08
C THR B 202 -0.43 21.01 -10.74
N THR B 203 -1.25 21.79 -11.47
CA THR B 203 -1.33 23.21 -11.25
C THR B 203 -2.03 23.61 -9.93
N LYS B 204 -2.71 22.67 -9.31
CA LYS B 204 -3.36 22.90 -8.00
C LYS B 204 -2.52 22.39 -6.83
N ALA B 205 -1.38 21.76 -7.09
CA ALA B 205 -0.66 21.10 -5.99
C ALA B 205 0.12 22.12 -5.13
N ASP B 206 -0.07 22.07 -3.82
CA ASP B 206 0.83 22.72 -2.83
C ASP B 206 2.20 22.05 -2.81
N ILE B 207 2.18 20.72 -2.93
CA ILE B 207 3.37 19.89 -2.90
C ILE B 207 3.28 19.01 -4.13
N LEU B 208 4.30 19.04 -4.95
CA LEU B 208 4.29 18.32 -6.21
C LEU B 208 5.53 17.43 -6.24
N ILE B 209 5.30 16.14 -6.34
CA ILE B 209 6.39 15.16 -6.31
C ILE B 209 6.51 14.57 -7.71
N VAL B 210 7.69 14.61 -8.31
CA VAL B 210 7.83 14.20 -9.71
C VAL B 210 8.78 13.04 -9.80
N ALA B 211 8.25 11.90 -10.29
CA ALA B 211 9.01 10.65 -10.32
C ALA B 211 8.63 9.84 -11.57
N VAL B 212 9.04 10.34 -12.74
CA VAL B 212 8.72 9.69 -14.00
C VAL B 212 9.94 9.27 -14.87
N GLY B 213 11.15 9.74 -14.54
CA GLY B 213 12.31 9.40 -15.38
C GLY B 213 12.19 9.99 -16.79
N LYS B 214 11.75 11.24 -16.90
CA LYS B 214 11.64 11.90 -18.18
C LYS B 214 12.25 13.25 -18.08
N PRO B 215 13.43 13.44 -18.70
CA PRO B 215 14.15 14.71 -18.49
C PRO B 215 13.32 15.95 -18.74
N ASN B 216 13.39 16.91 -17.84
CA ASN B 216 12.74 18.23 -18.05
C ASN B 216 11.24 18.19 -18.42
N PHE B 217 10.57 17.10 -18.04
CA PHE B 217 9.18 16.87 -18.40
C PHE B 217 8.22 17.95 -17.84
N ILE B 218 8.31 18.24 -16.55
CA ILE B 218 7.45 19.22 -15.92
C ILE B 218 7.94 20.65 -16.17
N THR B 219 7.12 21.43 -16.88
CA THR B 219 7.43 22.81 -17.26
C THR B 219 6.69 23.80 -16.36
N ALA B 220 6.99 25.11 -16.49
CA ALA B 220 6.56 26.16 -15.54
C ALA B 220 5.07 26.29 -15.45
N ASP B 221 4.43 26.13 -16.59
CA ASP B 221 3.00 26.28 -16.69
C ASP B 221 2.20 25.19 -15.96
N MET B 222 2.89 24.11 -15.61
CA MET B 222 2.30 22.98 -14.88
C MET B 222 2.40 23.08 -13.35
N VAL B 223 3.13 24.07 -12.86
CA VAL B 223 3.37 24.23 -11.45
C VAL B 223 2.64 25.47 -10.88
N LYS B 224 2.05 25.31 -9.70
CA LYS B 224 1.39 26.40 -8.95
C LYS B 224 2.39 27.39 -8.35
N GLU B 225 2.09 28.69 -8.45
CA GLU B 225 2.90 29.70 -7.74
C GLU B 225 2.87 29.44 -6.24
N GLY B 226 4.04 29.39 -5.63
CA GLY B 226 4.12 29.09 -4.19
C GLY B 226 4.19 27.59 -3.88
N ALA B 227 4.36 26.75 -4.90
CA ALA B 227 4.41 25.28 -4.72
C ALA B 227 5.74 24.82 -4.22
N VAL B 228 5.73 23.67 -3.54
CA VAL B 228 6.96 22.97 -3.19
C VAL B 228 7.15 21.83 -4.16
N VAL B 229 8.29 21.79 -4.82
CA VAL B 229 8.47 20.87 -5.91
C VAL B 229 9.61 19.94 -5.61
N ILE B 230 9.32 18.66 -5.61
CA ILE B 230 10.38 17.66 -5.29
C ILE B 230 10.60 16.83 -6.55
N ASP B 231 11.84 16.79 -7.05
CA ASP B 231 12.18 16.22 -8.34
C ASP B 231 13.00 14.98 -8.08
N VAL B 232 12.44 13.82 -8.34
CA VAL B 232 13.09 12.57 -8.03
C VAL B 232 13.88 12.04 -9.21
N GLY B 233 13.73 12.66 -10.39
CA GLY B 233 14.43 12.20 -11.59
C GLY B 233 15.93 12.24 -11.47
N ILE B 234 16.56 11.18 -11.97
CA ILE B 234 18.03 11.18 -12.19
C ILE B 234 18.26 10.72 -13.63
N ASN B 235 18.12 11.61 -14.60
CA ASN B 235 18.25 11.22 -16.02
C ASN B 235 19.66 11.50 -16.52
N HIS B 236 20.28 10.52 -17.16
CA HIS B 236 21.61 10.70 -17.78
C HIS B 236 21.43 11.23 -19.19
N VAL B 237 21.76 12.50 -19.40
CA VAL B 237 21.61 13.13 -20.67
C VAL B 237 22.96 13.68 -21.11
N ASP B 238 23.65 12.87 -21.91
CA ASP B 238 24.92 13.31 -22.53
C ASP B 238 25.93 13.60 -21.43
N GLY B 239 26.14 12.63 -20.55
CA GLY B 239 27.05 12.84 -19.41
C GLY B 239 26.51 13.68 -18.24
N LYS B 240 25.58 14.61 -18.49
CA LYS B 240 24.92 15.36 -17.39
C LYS B 240 23.85 14.51 -16.66
N ILE B 241 23.53 14.90 -15.42
CA ILE B 241 22.35 14.38 -14.71
C ILE B 241 21.32 15.49 -14.75
N VAL B 242 20.11 15.14 -15.14
CA VAL B 242 19.06 16.14 -15.30
C VAL B 242 17.80 15.57 -14.66
N GLY B 243 17.03 16.44 -14.06
CA GLY B 243 15.84 16.01 -13.33
C GLY B 243 14.62 15.91 -14.23
N ASP B 244 13.51 15.44 -13.64
CA ASP B 244 12.23 15.42 -14.35
C ASP B 244 11.51 16.77 -14.39
N VAL B 245 12.07 17.80 -13.73
CA VAL B 245 11.46 19.13 -13.70
C VAL B 245 12.39 20.08 -14.45
N ASP B 246 11.81 20.98 -15.26
CA ASP B 246 12.56 22.04 -15.99
C ASP B 246 12.91 23.14 -15.02
N PHE B 247 14.01 22.91 -14.31
CA PHE B 247 14.36 23.65 -13.12
C PHE B 247 14.49 25.16 -13.45
N ALA B 248 15.22 25.47 -14.50
CA ALA B 248 15.47 26.87 -14.86
C ALA B 248 14.16 27.66 -14.96
N ALA B 249 13.17 27.03 -15.55
CA ALA B 249 11.87 27.64 -15.79
C ALA B 249 11.02 27.76 -14.50
N VAL B 250 11.00 26.68 -13.71
CA VAL B 250 10.06 26.53 -12.62
CA VAL B 250 10.08 26.51 -12.61
C VAL B 250 10.54 27.27 -11.36
N LYS B 251 11.85 27.34 -11.14
CA LYS B 251 12.41 27.88 -9.89
C LYS B 251 11.94 29.27 -9.49
N ASP B 252 11.57 30.08 -10.47
CA ASP B 252 11.10 31.43 -10.20
C ASP B 252 9.66 31.50 -9.68
N LYS B 253 8.95 30.37 -9.78
CA LYS B 253 7.55 30.28 -9.46
C LYS B 253 7.28 29.71 -8.04
N VAL B 254 8.26 29.02 -7.49
CA VAL B 254 8.01 28.11 -6.36
C VAL B 254 8.38 28.73 -5.01
N ALA B 255 7.73 28.25 -3.95
CA ALA B 255 8.21 28.45 -2.60
C ALA B 255 9.53 27.73 -2.35
N ALA B 256 9.68 26.50 -2.87
CA ALA B 256 10.90 25.70 -2.72
C ALA B 256 11.00 24.60 -3.76
N ILE B 257 12.23 24.18 -4.06
CA ILE B 257 12.47 23.17 -5.08
C ILE B 257 13.80 22.49 -4.88
N THR B 258 13.84 21.20 -5.19
CA THR B 258 15.00 20.37 -5.09
C THR B 258 15.75 20.45 -6.45
N PRO B 259 17.06 20.71 -6.42
CA PRO B 259 17.76 20.71 -7.69
C PRO B 259 18.12 19.30 -8.03
N VAL B 260 18.56 19.06 -9.28
CA VAL B 260 19.12 17.78 -9.73
C VAL B 260 20.34 18.12 -10.59
N PRO B 261 21.54 17.59 -10.27
CA PRO B 261 21.81 16.76 -9.09
C PRO B 261 21.76 17.54 -7.75
N GLY B 262 21.98 16.80 -6.67
CA GLY B 262 22.12 17.36 -5.31
C GLY B 262 20.86 17.64 -4.53
N GLY B 263 19.78 16.92 -4.89
CA GLY B 263 18.49 17.13 -4.35
C GLY B 263 18.08 15.87 -3.64
N VAL B 264 17.14 15.14 -4.20
CA VAL B 264 16.72 13.87 -3.65
C VAL B 264 17.77 12.76 -3.72
N GLY B 265 18.62 12.79 -4.74
CA GLY B 265 19.52 11.67 -4.95
C GLY B 265 20.38 11.27 -3.74
N PRO B 266 21.04 12.24 -3.11
CA PRO B 266 21.88 11.90 -1.93
C PRO B 266 21.06 11.46 -0.71
N MET B 267 19.79 11.87 -0.61
CA MET B 267 18.93 11.47 0.51
C MET B 267 18.59 9.97 0.52
N THR B 268 18.54 9.33 -0.64
CA THR B 268 18.22 7.90 -0.80
C THR B 268 19.25 7.06 -0.05
N ILE B 269 20.54 7.27 -0.30
CA ILE B 269 21.49 6.46 0.42
C ILE B 269 21.57 6.86 1.92
N THR B 270 21.40 8.13 2.21
CA THR B 270 21.36 8.58 3.61
C THR B 270 20.29 7.80 4.38
N GLU B 271 19.11 7.65 3.78
CA GLU B 271 18.02 6.93 4.47
C GLU B 271 18.28 5.43 4.55
N LEU B 272 19.04 4.92 3.61
CA LEU B 272 19.48 3.52 3.73
C LEU B 272 20.30 3.34 5.01
N LEU B 273 21.16 4.31 5.28
CA LEU B 273 21.98 4.24 6.48
C LEU B 273 21.12 4.30 7.74
N TYR B 274 20.12 5.18 7.75
CA TYR B 274 19.22 5.23 8.89
C TYR B 274 18.40 3.96 9.07
N ASN B 275 18.00 3.34 7.94
CA ASN B 275 17.28 2.14 7.97
C ASN B 275 18.14 0.97 8.51
N THR B 276 19.42 0.96 8.16
CA THR B 276 20.33 -0.03 8.71
C THR B 276 20.48 0.08 10.24
N PHE B 277 20.63 1.33 10.72
CA PHE B 277 20.68 1.58 12.14
C PHE B 277 19.34 1.16 12.80
N GLN B 278 18.22 1.43 12.15
CA GLN B 278 16.92 1.04 12.70
C GLN B 278 16.87 -0.48 12.84
N CYS B 279 17.29 -1.19 11.80
CA CYS B 279 17.33 -2.66 11.87
C CYS B 279 18.14 -3.19 13.06
N ALA B 280 19.34 -2.66 13.24
CA ALA B 280 20.21 -3.08 14.33
C ALA B 280 19.54 -2.84 15.70
N GLN B 281 18.95 -1.68 15.89
CA GLN B 281 18.37 -1.39 17.19
C GLN B 281 17.14 -2.24 17.45
N GLU B 282 16.29 -2.45 16.46
CA GLU B 282 15.03 -3.15 16.69
CA GLU B 282 15.02 -3.15 16.67
C GLU B 282 15.24 -4.66 16.85
N LEU B 283 16.25 -5.20 16.19
CA LEU B 283 16.64 -6.61 16.39
C LEU B 283 17.17 -6.86 17.80
N ASN B 284 17.73 -5.83 18.40
CA ASN B 284 18.38 -5.98 19.67
C ASN B 284 17.60 -5.34 20.80
N ARG B 285 16.33 -5.01 20.55
CA ARG B 285 15.42 -4.51 21.58
CA ARG B 285 15.47 -4.51 21.61
C ARG B 285 14.98 -5.69 22.45
P PO4 C . -11.01 9.79 7.37
O1 PO4 C . -9.93 8.85 7.02
O2 PO4 C . -11.71 10.23 6.14
O3 PO4 C . -10.44 11.02 8.02
O4 PO4 C . -11.99 9.10 8.35
N1 IMD D . -27.22 -5.14 3.42
C2 IMD D . -26.65 -4.01 3.87
N3 IMD D . -26.42 -3.22 2.83
C4 IMD D . -26.84 -3.83 1.74
C5 IMD D . -27.37 -5.05 2.09
C1 EDO E . -15.48 -11.68 -9.45
O1 EDO E . -16.20 -11.46 -8.24
C2 EDO E . -14.00 -11.80 -9.13
O2 EDO E . -13.86 -11.31 -7.79
C1 EDO F . -8.88 -11.63 10.19
O1 EDO F . -9.61 -12.54 9.32
C2 EDO F . -9.60 -10.28 10.41
O2 EDO F . -9.60 -9.47 9.19
N1 IMD G . 23.22 12.52 -7.09
C2 IMD G . 22.40 12.06 -8.03
N3 IMD G . 21.47 13.01 -8.25
C4 IMD G . 21.72 14.00 -7.45
C5 IMD G . 22.83 13.71 -6.75
C1 EDO H . 16.68 10.71 9.50
O1 EDO H . 16.24 11.55 8.47
C2 EDO H . 15.57 9.85 9.99
O2 EDO H . 15.11 9.10 8.86
C1 EDO I . 19.30 12.84 14.99
O1 EDO I . 20.44 13.69 15.24
C2 EDO I . 19.55 12.04 13.71
O2 EDO I . 19.36 12.93 12.61
C ACT J . 3.66 6.19 -14.40
O ACT J . 3.21 5.87 -15.50
OXT ACT J . 3.86 7.40 -14.37
CH3 ACT J . 3.93 5.22 -13.27
#